data_7AHK
#
_entry.id   7AHK
#
_cell.length_a   152.011
_cell.length_b   152.011
_cell.length_c   57.521
_cell.angle_alpha   90.000
_cell.angle_beta   90.000
_cell.angle_gamma   120.000
#
_symmetry.space_group_name_H-M   'P 3 2 1'
#
loop_
_entity.id
_entity.type
_entity.pdbx_description
1 polymer 'Glutamate transporter homolog'
2 non-polymer 'SODIUM ION'
3 non-polymer 'octyl beta-D-glucopyranoside'
4 non-polymer 'PHOSPHATE ION'
5 non-polymer EICOSANE
6 non-polymer GLYCEROL
7 non-polymer '(2R)-2,3-dihydroxypropyl (9Z)-octadec-9-enoate'
8 water water
#
_entity_poly.entity_id   1
_entity_poly.type   'polypeptide(L)'
_entity_poly.pdbx_seq_one_letter_code
;MGLYRKYIEYPVLQKILIGLILGAIVGLILGHYGYAHAVHTYVKPFGDLFVRLLKMLVMPIVFASLVVGAASISPARLGR
VGVKIVVYYLLTSAFAVTLGIIMARLFNPGAGIHLAVGGQQFQPHQAPPLVHILLDIVPTNPFGALANGQVLPTIFFAII
LGIAITYLMNSENEKVRKSAETLLDAINGLAEAMYKIVNGVMQYAPIGVFALIAYVMAEQGVHVVGELAKVTAAVYVGLT
LQILLVYFVLLKIYGIDPISFIKHAKDAMLTAFVTRSSSGTLPVTMRVAKEMGISEGIYSFTLPLGATINMDGTALYQGV
CTFFIANALGSHLTVGQQLTIVLTAVLASIGTAGVPGAGAIMLAMVLHSVGLPLTDPNVAAAYAMILGIDAILDMGRTMV
NVTGDLTGTAIVAKTEGTLVPRGSG
;
_entity_poly.pdbx_strand_id   A
#
# COMPACT_ATOMS: atom_id res chain seq x y z
N VAL A 12 9.24 7.60 -19.16
CA VAL A 12 10.35 6.75 -19.72
C VAL A 12 11.08 6.09 -18.53
N LEU A 13 11.19 4.76 -18.61
CA LEU A 13 11.74 3.94 -17.53
C LEU A 13 13.20 4.33 -17.27
N GLN A 14 14.05 4.17 -18.29
CA GLN A 14 15.44 4.56 -18.22
C GLN A 14 15.58 5.75 -17.25
N LYS A 15 14.73 6.75 -17.43
CA LYS A 15 14.94 8.08 -16.85
C LYS A 15 14.71 8.05 -15.34
N ILE A 16 13.66 7.35 -14.89
CA ILE A 16 13.35 7.26 -13.46
C ILE A 16 14.40 6.37 -12.79
N LEU A 17 14.87 5.34 -13.51
CA LEU A 17 15.89 4.43 -12.99
C LEU A 17 17.18 5.20 -12.77
N ILE A 18 17.46 6.17 -13.65
CA ILE A 18 18.62 7.05 -13.52
C ILE A 18 18.42 7.95 -12.30
N GLY A 19 17.21 8.52 -12.19
CA GLY A 19 16.83 9.36 -11.06
C GLY A 19 16.96 8.62 -9.74
N LEU A 20 16.50 7.36 -9.73
CA LEU A 20 16.55 6.51 -8.55
C LEU A 20 18.00 6.30 -8.12
N ILE A 21 18.85 5.98 -9.11
CA ILE A 21 20.22 5.57 -8.87
C ILE A 21 21.06 6.80 -8.52
N LEU A 22 20.99 7.83 -9.38
CA LEU A 22 21.69 9.08 -9.17
C LEU A 22 21.38 9.61 -7.78
N GLY A 23 20.08 9.75 -7.48
CA GLY A 23 19.60 10.33 -6.23
C GLY A 23 20.10 9.54 -5.01
N ALA A 24 20.04 8.22 -5.10
CA ALA A 24 20.51 7.34 -4.05
C ALA A 24 21.95 7.72 -3.66
N ILE A 25 22.82 7.82 -4.67
CA ILE A 25 24.25 7.92 -4.42
C ILE A 25 24.57 9.36 -3.96
N VAL A 26 23.93 10.35 -4.60
CA VAL A 26 24.18 11.76 -4.27
C VAL A 26 23.66 12.04 -2.86
N GLY A 27 22.54 11.39 -2.49
CA GLY A 27 21.98 11.48 -1.15
C GLY A 27 22.96 11.00 -0.10
N LEU A 28 23.59 9.84 -0.38
CA LEU A 28 24.52 9.21 0.55
C LEU A 28 25.79 10.07 0.67
N ILE A 29 26.22 10.64 -0.45
CA ILE A 29 27.44 11.44 -0.51
C ILE A 29 27.23 12.73 0.32
N LEU A 30 26.12 13.42 0.06
CA LEU A 30 25.81 14.67 0.71
C LEU A 30 25.52 14.40 2.20
N GLY A 31 24.79 13.33 2.47
CA GLY A 31 24.45 12.91 3.83
C GLY A 31 25.69 12.64 4.66
N HIS A 32 26.73 12.09 4.01
CA HIS A 32 27.98 11.72 4.66
C HIS A 32 28.76 12.97 5.07
N TYR A 33 28.68 14.01 4.23
CA TYR A 33 29.48 15.23 4.42
C TYR A 33 28.66 16.28 5.19
N GLY A 34 27.60 15.81 5.86
CA GLY A 34 26.75 16.64 6.72
C GLY A 34 26.11 17.80 5.97
N TYR A 35 25.64 17.54 4.74
CA TYR A 35 24.85 18.48 3.97
C TYR A 35 23.42 17.95 3.83
N ALA A 36 22.92 17.31 4.88
CA ALA A 36 21.62 16.64 4.85
C ALA A 36 20.51 17.68 4.90
N HIS A 37 20.74 18.77 5.62
CA HIS A 37 19.72 19.77 5.87
C HIS A 37 19.61 20.70 4.66
N ALA A 38 20.64 20.70 3.81
CA ALA A 38 20.56 21.28 2.47
C ALA A 38 19.57 20.47 1.61
N VAL A 39 19.74 19.14 1.62
CA VAL A 39 18.90 18.25 0.84
C VAL A 39 17.45 18.39 1.31
N HIS A 40 17.27 18.40 2.64
CA HIS A 40 15.98 18.65 3.29
C HIS A 40 15.34 19.92 2.71
N THR A 41 16.14 20.98 2.60
CA THR A 41 15.65 22.33 2.32
C THR A 41 15.35 22.49 0.83
N TYR A 42 16.30 22.08 -0.03
CA TYR A 42 16.38 22.58 -1.41
C TYR A 42 16.02 21.46 -2.40
N VAL A 43 16.02 20.21 -1.92
CA VAL A 43 15.86 19.05 -2.80
C VAL A 43 14.48 18.40 -2.55
N LYS A 44 14.25 17.95 -1.32
CA LYS A 44 13.01 17.29 -0.88
C LYS A 44 11.79 17.94 -1.51
N PRO A 45 11.65 19.29 -1.49
CA PRO A 45 10.50 19.96 -2.07
C PRO A 45 10.05 19.42 -3.44
N PHE A 46 11.03 19.12 -4.31
CA PHE A 46 10.76 18.67 -5.68
C PHE A 46 10.18 17.24 -5.64
N GLY A 47 10.61 16.46 -4.64
CA GLY A 47 10.06 15.14 -4.40
C GLY A 47 8.65 15.20 -3.87
N ASP A 48 8.43 16.05 -2.86
CA ASP A 48 7.13 16.16 -2.19
C ASP A 48 6.07 16.57 -3.21
N LEU A 49 6.49 17.38 -4.20
CA LEU A 49 5.62 17.88 -5.26
C LEU A 49 5.08 16.70 -6.07
N PHE A 50 5.98 15.79 -6.46
CA PHE A 50 5.64 14.59 -7.20
C PHE A 50 4.54 13.80 -6.48
N VAL A 51 4.72 13.65 -5.16
CA VAL A 51 3.80 12.89 -4.32
C VAL A 51 2.43 13.57 -4.38
N ARG A 52 2.42 14.90 -4.17
CA ARG A 52 1.18 15.68 -4.11
C ARG A 52 0.45 15.60 -5.45
N LEU A 53 1.22 15.68 -6.55
CA LEU A 53 0.66 15.67 -7.88
C LEU A 53 -0.09 14.35 -8.13
N LEU A 54 0.41 13.25 -7.55
CA LEU A 54 -0.20 11.94 -7.73
C LEU A 54 -1.42 11.80 -6.81
N LYS A 55 -1.25 12.18 -5.54
CA LYS A 55 -2.32 12.17 -4.55
C LYS A 55 -3.53 12.95 -5.08
N MET A 56 -3.25 13.95 -5.92
CA MET A 56 -4.27 14.87 -6.40
C MET A 56 -5.31 14.13 -7.24
N LEU A 57 -4.90 13.00 -7.84
CA LEU A 57 -5.69 12.31 -8.84
C LEU A 57 -6.60 11.27 -8.16
N VAL A 58 -6.30 10.95 -6.89
CA VAL A 58 -6.73 9.70 -6.26
C VAL A 58 -8.25 9.64 -6.20
N MET A 59 -8.87 10.65 -5.59
CA MET A 59 -10.29 10.58 -5.21
C MET A 59 -11.16 10.72 -6.46
N PRO A 60 -10.80 11.59 -7.43
CA PRO A 60 -11.47 11.60 -8.74
C PRO A 60 -11.35 10.29 -9.51
N ILE A 61 -10.14 9.72 -9.59
CA ILE A 61 -9.87 8.57 -10.46
C ILE A 61 -10.45 7.30 -9.86
N VAL A 62 -10.48 7.22 -8.52
CA VAL A 62 -11.06 6.07 -7.84
C VAL A 62 -12.58 6.10 -8.05
N PHE A 63 -13.20 7.23 -7.70
CA PHE A 63 -14.64 7.41 -7.79
C PHE A 63 -15.12 7.18 -9.22
N ALA A 64 -14.57 7.95 -10.16
CA ALA A 64 -15.07 7.98 -11.53
C ALA A 64 -14.88 6.59 -12.17
N SER A 65 -13.72 5.99 -11.95
CA SER A 65 -13.36 4.71 -12.57
C SER A 65 -14.33 3.62 -12.11
N LEU A 66 -14.74 3.69 -10.83
CA LEU A 66 -15.51 2.63 -10.22
C LEU A 66 -16.97 2.72 -10.70
N VAL A 67 -17.49 3.94 -10.80
CA VAL A 67 -18.84 4.16 -11.30
C VAL A 67 -18.94 3.50 -12.69
N VAL A 68 -17.94 3.79 -13.54
CA VAL A 68 -17.91 3.31 -14.91
C VAL A 68 -17.75 1.79 -14.90
N GLY A 69 -16.89 1.30 -14.00
CA GLY A 69 -16.59 -0.11 -13.88
C GLY A 69 -17.79 -0.89 -13.36
N ALA A 70 -18.39 -0.38 -12.28
CA ALA A 70 -19.45 -1.07 -11.56
C ALA A 70 -20.66 -1.20 -12.50
N ALA A 71 -20.73 -0.29 -13.47
CA ALA A 71 -21.86 -0.17 -14.37
C ALA A 71 -21.61 -1.02 -15.62
N SER A 72 -20.38 -1.48 -15.80
CA SER A 72 -19.96 -2.20 -17.00
C SER A 72 -20.17 -3.70 -16.83
N ILE A 73 -20.10 -4.18 -15.58
CA ILE A 73 -20.17 -5.61 -15.30
C ILE A 73 -21.34 -5.88 -14.35
N SER A 74 -21.77 -7.15 -14.31
CA SER A 74 -22.92 -7.56 -13.52
C SER A 74 -22.56 -7.49 -12.04
N PRO A 75 -23.52 -7.06 -11.19
CA PRO A 75 -23.33 -7.11 -9.74
C PRO A 75 -22.81 -8.46 -9.23
N ALA A 76 -23.37 -9.54 -9.78
CA ALA A 76 -23.08 -10.89 -9.32
C ALA A 76 -21.60 -11.21 -9.53
N ARG A 77 -21.07 -10.83 -10.70
CA ARG A 77 -19.64 -10.97 -11.02
C ARG A 77 -18.81 -10.12 -10.05
N LEU A 78 -19.27 -8.89 -9.80
CA LEU A 78 -18.56 -7.98 -8.94
C LEU A 78 -18.40 -8.65 -7.57
N GLY A 79 -19.46 -9.32 -7.12
CA GLY A 79 -19.51 -9.95 -5.81
C GLY A 79 -18.57 -11.15 -5.72
N ARG A 80 -18.50 -11.91 -6.82
CA ARG A 80 -17.58 -13.04 -6.94
C ARG A 80 -16.13 -12.52 -6.94
N VAL A 81 -15.91 -11.45 -7.70
CA VAL A 81 -14.63 -10.74 -7.75
C VAL A 81 -14.23 -10.38 -6.32
N GLY A 82 -15.19 -9.87 -5.55
CA GLY A 82 -14.96 -9.36 -4.19
C GLY A 82 -14.56 -10.46 -3.23
N VAL A 83 -15.33 -11.55 -3.23
CA VAL A 83 -15.00 -12.73 -2.46
C VAL A 83 -13.56 -13.15 -2.77
N LYS A 84 -13.28 -13.26 -4.08
CA LYS A 84 -12.04 -13.83 -4.58
C LYS A 84 -10.83 -13.05 -4.04
N ILE A 85 -10.87 -11.72 -4.20
CA ILE A 85 -9.70 -10.90 -3.88
C ILE A 85 -9.54 -10.80 -2.36
N VAL A 86 -10.67 -10.75 -1.65
CA VAL A 86 -10.66 -10.66 -0.20
C VAL A 86 -9.91 -11.88 0.34
N VAL A 87 -10.29 -13.07 -0.14
CA VAL A 87 -9.62 -14.30 0.23
C VAL A 87 -8.13 -14.17 -0.09
N TYR A 88 -7.82 -13.76 -1.31
CA TYR A 88 -6.44 -13.59 -1.75
C TYR A 88 -5.70 -12.63 -0.81
N TYR A 89 -6.34 -11.50 -0.48
CA TYR A 89 -5.73 -10.48 0.36
C TYR A 89 -5.43 -11.06 1.75
N LEU A 90 -6.29 -11.97 2.21
CA LEU A 90 -6.18 -12.52 3.55
C LEU A 90 -5.00 -13.50 3.61
N LEU A 91 -4.94 -14.40 2.62
CA LEU A 91 -3.94 -15.46 2.60
C LEU A 91 -2.54 -14.85 2.50
N THR A 92 -2.37 -13.88 1.60
CA THR A 92 -1.05 -13.34 1.29
C THR A 92 -0.55 -12.53 2.49
N SER A 93 -1.49 -11.86 3.17
CA SER A 93 -1.19 -11.10 4.40
C SER A 93 -0.66 -12.05 5.47
N ALA A 94 -1.28 -13.23 5.58
CA ALA A 94 -0.97 -14.18 6.63
C ALA A 94 0.42 -14.78 6.37
N PHE A 95 0.70 -15.03 5.09
CA PHE A 95 2.00 -15.55 4.68
C PHE A 95 3.07 -14.48 4.89
N ALA A 96 2.71 -13.23 4.63
CA ALA A 96 3.64 -12.11 4.78
C ALA A 96 4.18 -12.08 6.22
N VAL A 97 3.28 -11.92 7.18
CA VAL A 97 3.65 -11.75 8.58
C VAL A 97 4.40 -12.99 9.04
N THR A 98 3.94 -14.15 8.57
CA THR A 98 4.62 -15.42 8.82
C THR A 98 6.07 -15.32 8.36
N LEU A 99 6.25 -14.90 7.10
CA LEU A 99 7.55 -14.85 6.45
C LEU A 99 8.47 -13.89 7.22
N GLY A 100 7.87 -12.85 7.80
CA GLY A 100 8.57 -11.90 8.66
C GLY A 100 9.11 -12.55 9.93
N ILE A 101 8.29 -13.39 10.57
CA ILE A 101 8.71 -14.15 11.74
C ILE A 101 9.91 -15.02 11.35
N ILE A 102 9.77 -15.79 10.26
CA ILE A 102 10.81 -16.68 9.77
C ILE A 102 12.07 -15.85 9.53
N MET A 103 11.90 -14.71 8.85
CA MET A 103 13.00 -13.83 8.50
C MET A 103 13.72 -13.36 9.76
N ALA A 104 12.95 -13.19 10.85
CA ALA A 104 13.46 -12.66 12.11
C ALA A 104 14.23 -13.75 12.86
N ARG A 105 13.69 -14.98 12.85
CA ARG A 105 14.27 -16.10 13.58
C ARG A 105 15.57 -16.55 12.89
N LEU A 106 15.68 -16.27 11.60
CA LEU A 106 16.82 -16.64 10.79
C LEU A 106 17.97 -15.64 10.99
N PHE A 107 17.63 -14.35 11.13
CA PHE A 107 18.61 -13.28 11.08
C PHE A 107 18.87 -12.74 12.50
N ASN A 108 17.85 -12.85 13.35
CA ASN A 108 17.96 -12.62 14.79
C ASN A 108 18.31 -11.15 15.04
N PRO A 109 17.58 -10.20 14.43
CA PRO A 109 17.86 -8.78 14.63
C PRO A 109 17.50 -8.34 16.05
N GLY A 110 18.23 -7.36 16.57
CA GLY A 110 17.87 -6.68 17.81
C GLY A 110 18.50 -7.34 19.03
N ALA A 111 19.20 -8.47 18.80
CA ALA A 111 19.78 -9.25 19.88
C ALA A 111 21.06 -8.56 20.38
N GLY A 112 21.26 -8.59 21.70
CA GLY A 112 22.46 -8.04 22.33
C GLY A 112 22.33 -6.55 22.62
N ILE A 113 21.31 -5.91 22.04
CA ILE A 113 21.03 -4.49 22.28
C ILE A 113 20.58 -4.31 23.74
N HIS A 114 21.15 -3.30 24.41
CA HIS A 114 20.78 -2.90 25.78
C HIS A 114 20.59 -1.38 25.84
N LEU A 115 19.47 -0.89 25.34
CA LEU A 115 19.25 0.56 25.14
C LEU A 115 18.97 1.22 26.49
N ALA A 116 19.35 2.50 26.61
CA ALA A 116 18.97 3.35 27.74
C ALA A 116 17.60 3.99 27.45
N VAL A 117 16.73 3.93 28.46
CA VAL A 117 15.44 4.58 28.45
C VAL A 117 15.63 6.07 28.13
N GLY A 118 14.55 6.72 27.69
CA GLY A 118 14.56 8.16 27.41
C GLY A 118 14.36 8.44 25.94
N GLY A 119 14.22 9.72 25.60
CA GLY A 119 13.85 10.14 24.25
C GLY A 119 12.37 9.93 23.99
N GLN A 120 12.04 9.70 22.71
CA GLN A 120 10.66 9.71 22.23
C GLN A 120 9.83 8.70 23.04
N GLN A 121 8.61 9.11 23.40
CA GLN A 121 7.59 8.22 23.91
C GLN A 121 6.36 8.30 23.00
N PHE A 122 5.51 7.28 23.05
CA PHE A 122 4.28 7.22 22.27
C PHE A 122 3.13 6.79 23.20
N GLN A 123 1.95 7.35 22.94
CA GLN A 123 0.69 6.75 23.34
C GLN A 123 -0.10 6.43 22.08
N PRO A 124 -0.02 5.18 21.58
CA PRO A 124 -0.71 4.81 20.33
C PRO A 124 -2.22 5.11 20.43
N HIS A 125 -2.81 5.55 19.32
CA HIS A 125 -4.26 5.65 19.18
C HIS A 125 -4.86 4.23 19.20
N GLN A 126 -6.07 4.12 19.75
CA GLN A 126 -6.80 2.86 19.79
C GLN A 126 -7.61 2.72 18.48
N ALA A 127 -7.64 1.50 17.94
CA ALA A 127 -8.48 1.17 16.79
C ALA A 127 -9.95 1.19 17.21
N PRO A 128 -10.84 1.86 16.45
CA PRO A 128 -12.27 1.80 16.71
C PRO A 128 -12.79 0.38 16.55
N PRO A 129 -13.88 0.00 17.26
CA PRO A 129 -14.38 -1.37 17.24
C PRO A 129 -14.68 -1.86 15.81
N LEU A 130 -14.68 -3.17 15.62
CA LEU A 130 -14.74 -3.78 14.29
C LEU A 130 -16.06 -3.39 13.63
N VAL A 131 -17.14 -3.34 14.44
CA VAL A 131 -18.46 -3.02 13.93
C VAL A 131 -18.43 -1.61 13.33
N HIS A 132 -17.97 -0.64 14.13
CA HIS A 132 -17.77 0.73 13.71
C HIS A 132 -17.10 0.77 12.32
N ILE A 133 -15.99 0.04 12.19
CA ILE A 133 -15.12 0.14 11.02
C ILE A 133 -15.87 -0.39 9.79
N LEU A 134 -16.66 -1.46 10.01
CA LEU A 134 -17.46 -2.10 8.98
C LEU A 134 -18.60 -1.15 8.57
N LEU A 135 -19.29 -0.58 9.56
CA LEU A 135 -20.41 0.31 9.33
C LEU A 135 -19.95 1.49 8.46
N ASP A 136 -18.71 1.97 8.72
CA ASP A 136 -18.22 3.24 8.19
C ASP A 136 -17.85 3.07 6.72
N ILE A 137 -17.83 1.82 6.25
CA ILE A 137 -17.70 1.51 4.84
C ILE A 137 -18.86 2.17 4.09
N VAL A 138 -20.01 2.26 4.77
CA VAL A 138 -21.18 2.93 4.22
C VAL A 138 -21.15 4.39 4.64
N PRO A 139 -20.93 5.33 3.70
CA PRO A 139 -20.91 6.76 4.02
C PRO A 139 -22.32 7.28 4.27
N THR A 140 -22.47 8.10 5.31
CA THR A 140 -23.72 8.78 5.60
C THR A 140 -23.82 10.05 4.75
N ASN A 141 -22.67 10.47 4.22
CA ASN A 141 -22.59 11.57 3.26
C ASN A 141 -21.47 11.29 2.26
N PRO A 142 -21.81 10.88 1.01
CA PRO A 142 -20.80 10.59 -0.02
C PRO A 142 -19.97 11.81 -0.46
N PHE A 143 -20.59 13.00 -0.48
CA PHE A 143 -19.87 14.23 -0.77
C PHE A 143 -18.80 14.49 0.30
N GLY A 144 -19.14 14.18 1.55
CA GLY A 144 -18.21 14.29 2.68
C GLY A 144 -17.08 13.28 2.58
N ALA A 145 -17.42 12.07 2.12
CA ALA A 145 -16.46 10.99 1.98
C ALA A 145 -15.46 11.32 0.87
N LEU A 146 -15.96 11.97 -0.19
CA LEU A 146 -15.14 12.39 -1.31
C LEU A 146 -14.20 13.53 -0.88
N ALA A 147 -14.73 14.46 -0.07
CA ALA A 147 -13.99 15.67 0.31
C ALA A 147 -12.97 15.34 1.40
N ASN A 148 -13.31 14.37 2.25
CA ASN A 148 -12.47 13.98 3.37
C ASN A 148 -11.49 12.89 2.91
N GLY A 149 -11.62 12.49 1.64
CA GLY A 149 -10.70 11.56 0.99
C GLY A 149 -10.79 10.18 1.60
N GLN A 150 -12.01 9.76 1.99
CA GLN A 150 -12.25 8.44 2.56
C GLN A 150 -12.55 7.46 1.43
N VAL A 151 -11.67 6.47 1.27
CA VAL A 151 -11.62 5.67 0.06
C VAL A 151 -12.71 4.59 0.12
N LEU A 152 -12.77 3.86 1.24
CA LEU A 152 -13.66 2.71 1.36
C LEU A 152 -15.10 3.15 1.09
N PRO A 153 -15.58 4.19 1.80
CA PRO A 153 -16.95 4.67 1.64
C PRO A 153 -17.18 5.15 0.20
N THR A 154 -16.15 5.76 -0.39
CA THR A 154 -16.19 6.23 -1.78
C THR A 154 -16.34 5.02 -2.71
N ILE A 155 -15.61 3.94 -2.41
CA ILE A 155 -15.73 2.69 -3.15
C ILE A 155 -17.18 2.21 -3.08
N PHE A 156 -17.73 2.19 -1.86
CA PHE A 156 -19.05 1.66 -1.63
C PHE A 156 -20.07 2.41 -2.49
N PHE A 157 -20.03 3.75 -2.41
CA PHE A 157 -21.03 4.60 -3.04
C PHE A 157 -20.89 4.53 -4.56
N ALA A 158 -19.65 4.53 -5.04
CA ALA A 158 -19.34 4.48 -6.45
C ALA A 158 -20.02 3.26 -7.08
N ILE A 159 -19.94 2.12 -6.37
CA ILE A 159 -20.46 0.86 -6.86
C ILE A 159 -21.99 0.93 -6.91
N ILE A 160 -22.59 1.41 -5.82
CA ILE A 160 -24.03 1.50 -5.72
C ILE A 160 -24.54 2.40 -6.86
N LEU A 161 -23.86 3.54 -7.04
CA LEU A 161 -24.30 4.53 -8.00
C LEU A 161 -24.19 3.94 -9.41
N GLY A 162 -23.10 3.23 -9.66
CA GLY A 162 -22.82 2.63 -10.96
C GLY A 162 -23.86 1.58 -11.32
N ILE A 163 -24.21 0.74 -10.34
CA ILE A 163 -25.19 -0.30 -10.54
C ILE A 163 -26.52 0.36 -10.89
N ALA A 164 -26.88 1.40 -10.13
CA ALA A 164 -28.17 2.08 -10.24
C ALA A 164 -28.28 2.76 -11.61
N ILE A 165 -27.15 3.29 -12.09
CA ILE A 165 -27.09 3.97 -13.38
C ILE A 165 -27.45 2.97 -14.49
N THR A 166 -26.96 1.73 -14.35
CA THR A 166 -27.19 0.67 -15.32
C THR A 166 -28.69 0.34 -15.37
N TYR A 167 -29.32 0.18 -14.21
CA TYR A 167 -30.77 -0.03 -14.15
C TYR A 167 -31.48 1.09 -14.93
N LEU A 168 -31.03 2.33 -14.70
CA LEU A 168 -31.72 3.49 -15.23
C LEU A 168 -31.66 3.46 -16.77
N MET A 169 -30.55 2.92 -17.30
CA MET A 169 -30.28 2.97 -18.72
C MET A 169 -31.07 1.86 -19.42
N ASN A 170 -31.71 1.00 -18.64
CA ASN A 170 -32.60 -0.04 -19.14
C ASN A 170 -34.06 0.40 -18.97
N SER A 171 -34.27 1.69 -18.71
CA SER A 171 -35.60 2.21 -18.48
C SER A 171 -36.35 2.28 -19.81
N GLU A 172 -37.69 2.29 -19.73
CA GLU A 172 -38.55 2.37 -20.90
C GLU A 172 -38.73 3.84 -21.30
N ASN A 173 -38.48 4.74 -20.35
CA ASN A 173 -38.59 6.18 -20.58
C ASN A 173 -37.26 6.71 -21.08
N GLU A 174 -37.27 7.25 -22.30
CA GLU A 174 -36.09 7.79 -22.96
C GLU A 174 -35.45 8.86 -22.06
N LYS A 175 -36.29 9.74 -21.51
CA LYS A 175 -35.82 10.88 -20.72
C LYS A 175 -34.92 10.38 -19.58
N VAL A 176 -35.31 9.25 -18.97
CA VAL A 176 -34.60 8.69 -17.83
C VAL A 176 -33.28 8.09 -18.31
N ARG A 177 -33.37 7.36 -19.43
CA ARG A 177 -32.23 6.72 -20.05
C ARG A 177 -31.17 7.78 -20.35
N LYS A 178 -31.60 8.88 -20.98
CA LYS A 178 -30.71 9.89 -21.54
C LYS A 178 -29.95 10.59 -20.42
N SER A 179 -30.67 10.92 -19.33
CA SER A 179 -30.10 11.68 -18.23
C SER A 179 -29.13 10.79 -17.43
N ALA A 180 -29.37 9.49 -17.45
CA ALA A 180 -28.49 8.52 -16.80
C ALA A 180 -27.20 8.36 -17.63
N GLU A 181 -27.34 8.27 -18.95
CA GLU A 181 -26.24 8.24 -19.90
C GLU A 181 -25.32 9.46 -19.70
N THR A 182 -25.94 10.64 -19.55
CA THR A 182 -25.21 11.89 -19.48
C THR A 182 -24.33 11.90 -18.22
N LEU A 183 -24.92 11.49 -17.09
CA LEU A 183 -24.20 11.42 -15.84
C LEU A 183 -23.00 10.46 -16.00
N LEU A 184 -23.24 9.32 -16.64
CA LEU A 184 -22.22 8.31 -16.81
C LEU A 184 -21.06 8.91 -17.63
N ASP A 185 -21.42 9.55 -18.75
CA ASP A 185 -20.46 10.07 -19.71
C ASP A 185 -19.62 11.17 -19.07
N ALA A 186 -20.29 12.02 -18.29
CA ALA A 186 -19.64 13.09 -17.53
C ALA A 186 -18.58 12.48 -16.60
N ILE A 187 -18.99 11.44 -15.85
CA ILE A 187 -18.15 10.81 -14.85
C ILE A 187 -17.01 10.05 -15.55
N ASN A 188 -17.31 9.52 -16.73
CA ASN A 188 -16.35 8.76 -17.52
C ASN A 188 -15.33 9.72 -18.13
N GLY A 189 -15.80 10.91 -18.52
CA GLY A 189 -14.94 12.02 -18.91
C GLY A 189 -13.92 12.34 -17.82
N LEU A 190 -14.37 12.36 -16.57
CA LEU A 190 -13.51 12.70 -15.44
C LEU A 190 -12.47 11.58 -15.25
N ALA A 191 -12.94 10.35 -15.29
CA ALA A 191 -12.07 9.18 -15.19
C ALA A 191 -10.96 9.27 -16.25
N GLU A 192 -11.37 9.41 -17.51
CA GLU A 192 -10.45 9.45 -18.66
C GLU A 192 -9.43 10.58 -18.44
N ALA A 193 -9.90 11.73 -17.96
CA ALA A 193 -9.07 12.90 -17.74
C ALA A 193 -7.94 12.57 -16.74
N MET A 194 -8.27 11.80 -15.70
CA MET A 194 -7.33 11.58 -14.60
C MET A 194 -6.19 10.67 -15.09
N TYR A 195 -6.53 9.74 -15.99
CA TYR A 195 -5.55 8.83 -16.58
C TYR A 195 -4.60 9.63 -17.46
N LYS A 196 -5.17 10.58 -18.21
CA LYS A 196 -4.42 11.45 -19.08
C LYS A 196 -3.40 12.25 -18.27
N ILE A 197 -3.83 12.72 -17.08
CA ILE A 197 -3.02 13.59 -16.25
C ILE A 197 -1.85 12.78 -15.68
N VAL A 198 -2.11 11.51 -15.32
CA VAL A 198 -1.08 10.62 -14.80
C VAL A 198 0.12 10.63 -15.76
N ASN A 199 -0.17 10.51 -17.06
CA ASN A 199 0.85 10.42 -18.11
C ASN A 199 1.76 11.66 -18.04
N GLY A 200 1.15 12.83 -17.85
CA GLY A 200 1.87 14.10 -17.70
C GLY A 200 2.73 14.12 -16.44
N VAL A 201 2.13 13.72 -15.31
CA VAL A 201 2.80 13.74 -14.01
C VAL A 201 4.07 12.88 -14.08
N MET A 202 3.99 11.76 -14.80
CA MET A 202 5.01 10.72 -14.80
C MET A 202 6.23 11.19 -15.59
N GLN A 203 6.06 12.26 -16.38
CA GLN A 203 7.17 12.92 -17.07
C GLN A 203 8.07 13.63 -16.06
N TYR A 204 7.47 14.04 -14.93
CA TYR A 204 8.16 14.76 -13.85
C TYR A 204 8.78 13.73 -12.89
N ALA A 205 8.45 12.45 -13.08
CA ALA A 205 8.79 11.39 -12.13
C ALA A 205 10.29 11.36 -11.89
N PRO A 206 11.13 11.41 -12.96
CA PRO A 206 12.58 11.36 -12.80
C PRO A 206 13.11 12.36 -11.75
N ILE A 207 12.64 13.61 -11.83
CA ILE A 207 13.06 14.66 -10.92
C ILE A 207 12.53 14.32 -9.52
N GLY A 208 11.24 13.95 -9.45
CA GLY A 208 10.59 13.57 -8.21
C GLY A 208 11.28 12.39 -7.55
N VAL A 209 11.47 11.31 -8.32
CA VAL A 209 12.07 10.08 -7.82
C VAL A 209 13.47 10.42 -7.27
N PHE A 210 14.20 11.25 -8.01
CA PHE A 210 15.55 11.65 -7.63
C PHE A 210 15.53 12.28 -6.23
N ALA A 211 14.70 13.31 -6.10
CA ALA A 211 14.69 14.17 -4.91
C ALA A 211 14.24 13.36 -3.69
N LEU A 212 13.24 12.50 -3.89
CA LEU A 212 12.65 11.71 -2.81
C LEU A 212 13.72 10.78 -2.20
N ILE A 213 14.35 9.97 -3.07
CA ILE A 213 15.32 8.98 -2.63
C ILE A 213 16.53 9.71 -2.02
N ALA A 214 16.95 10.79 -2.67
CA ALA A 214 18.09 11.60 -2.21
C ALA A 214 17.90 11.97 -0.74
N TYR A 215 16.69 12.45 -0.42
CA TYR A 215 16.37 12.93 0.91
C TYR A 215 16.46 11.77 1.91
N VAL A 216 15.92 10.62 1.53
CA VAL A 216 15.84 9.45 2.41
C VAL A 216 17.27 8.98 2.71
N MET A 217 18.10 8.94 1.67
CA MET A 217 19.44 8.41 1.79
C MET A 217 20.29 9.39 2.61
N ALA A 218 20.02 10.69 2.45
CA ALA A 218 20.78 11.74 3.08
C ALA A 218 20.43 11.80 4.57
N GLU A 219 19.20 11.39 4.91
CA GLU A 219 18.67 11.51 6.26
C GLU A 219 18.88 10.21 7.02
N GLN A 220 18.57 9.08 6.38
CA GLN A 220 18.40 7.81 7.08
C GLN A 220 19.38 6.77 6.53
N GLY A 221 19.85 6.98 5.30
CA GLY A 221 20.88 6.13 4.70
C GLY A 221 22.02 5.87 5.65
N VAL A 222 22.40 6.91 6.40
CA VAL A 222 23.59 6.92 7.24
C VAL A 222 23.36 6.03 8.47
N HIS A 223 22.10 6.00 8.93
CA HIS A 223 21.73 5.36 10.20
C HIS A 223 21.76 3.83 10.06
N VAL A 224 21.87 3.36 8.81
CA VAL A 224 21.76 1.94 8.49
C VAL A 224 23.11 1.28 8.79
N VAL A 225 23.31 0.95 10.06
CA VAL A 225 24.55 0.39 10.58
C VAL A 225 24.23 -0.42 11.84
N GLY A 226 25.14 -1.34 12.19
CA GLY A 226 24.95 -2.21 13.34
C GLY A 226 23.66 -2.99 13.24
N GLU A 227 22.92 -3.04 14.35
CA GLU A 227 21.75 -3.89 14.46
C GLU A 227 20.67 -3.41 13.47
N LEU A 228 20.70 -2.11 13.15
CA LEU A 228 19.69 -1.51 12.28
C LEU A 228 19.91 -1.97 10.84
N ALA A 229 21.12 -2.45 10.55
CA ALA A 229 21.44 -3.04 9.27
C ALA A 229 20.87 -4.46 9.21
N LYS A 230 20.92 -5.15 10.35
CA LYS A 230 20.37 -6.49 10.48
C LYS A 230 18.87 -6.46 10.20
N VAL A 231 18.21 -5.40 10.68
CA VAL A 231 16.76 -5.26 10.55
C VAL A 231 16.43 -5.00 9.07
N THR A 232 17.15 -4.05 8.47
CA THR A 232 16.99 -3.71 7.07
C THR A 232 17.14 -4.98 6.21
N ALA A 233 18.20 -5.74 6.47
CA ALA A 233 18.46 -6.98 5.74
C ALA A 233 17.24 -7.90 5.87
N ALA A 234 16.91 -8.26 7.12
CA ALA A 234 15.83 -9.19 7.41
C ALA A 234 14.55 -8.74 6.68
N VAL A 235 14.28 -7.44 6.74
CA VAL A 235 13.04 -6.89 6.21
C VAL A 235 13.06 -7.09 4.68
N TYR A 236 14.17 -6.69 4.05
CA TYR A 236 14.25 -6.54 2.61
C TYR A 236 14.36 -7.91 1.95
N VAL A 237 15.12 -8.82 2.59
CA VAL A 237 15.16 -10.23 2.19
C VAL A 237 13.74 -10.80 2.28
N GLY A 238 13.04 -10.48 3.37
CA GLY A 238 11.66 -10.86 3.55
C GLY A 238 10.79 -10.39 2.39
N LEU A 239 10.94 -9.11 2.04
CA LEU A 239 10.12 -8.47 1.03
C LEU A 239 10.39 -9.10 -0.34
N THR A 240 11.68 -9.29 -0.64
CA THR A 240 12.12 -10.00 -1.84
C THR A 240 11.41 -11.35 -1.92
N LEU A 241 11.38 -12.07 -0.79
CA LEU A 241 10.94 -13.45 -0.76
C LEU A 241 9.42 -13.52 -1.00
N GLN A 242 8.70 -12.50 -0.52
CA GLN A 242 7.24 -12.40 -0.73
C GLN A 242 6.94 -12.34 -2.22
N ILE A 243 7.80 -11.61 -2.95
CA ILE A 243 7.59 -11.35 -4.36
C ILE A 243 7.91 -12.62 -5.16
N LEU A 244 8.99 -13.30 -4.79
CA LEU A 244 9.48 -14.45 -5.53
C LEU A 244 8.62 -15.67 -5.19
N LEU A 245 8.49 -15.94 -3.89
CA LEU A 245 8.01 -17.23 -3.41
C LEU A 245 6.48 -17.23 -3.37
N VAL A 246 5.88 -16.03 -3.33
CA VAL A 246 4.44 -15.91 -3.19
C VAL A 246 3.85 -15.41 -4.51
N TYR A 247 4.09 -14.14 -4.85
CA TYR A 247 3.46 -13.52 -6.02
C TYR A 247 3.85 -14.30 -7.28
N PHE A 248 5.15 -14.41 -7.52
CA PHE A 248 5.67 -15.01 -8.74
C PHE A 248 5.09 -16.41 -8.89
N VAL A 249 5.18 -17.20 -7.82
CA VAL A 249 4.74 -18.59 -7.85
C VAL A 249 3.25 -18.60 -8.17
N LEU A 250 2.49 -17.76 -7.48
CA LEU A 250 1.03 -17.69 -7.66
C LEU A 250 0.71 -17.29 -9.11
N LEU A 251 1.35 -16.23 -9.58
CA LEU A 251 1.14 -15.70 -10.92
C LEU A 251 1.24 -16.85 -11.93
N LYS A 252 2.25 -17.71 -11.75
CA LYS A 252 2.59 -18.72 -12.73
C LYS A 252 1.59 -19.88 -12.64
N ILE A 253 1.17 -20.20 -11.41
CA ILE A 253 0.17 -21.23 -11.17
C ILE A 253 -1.10 -20.88 -11.97
N TYR A 254 -1.40 -19.58 -12.05
CA TYR A 254 -2.64 -19.07 -12.68
C TYR A 254 -2.34 -18.58 -14.10
N GLY A 255 -1.17 -18.96 -14.63
CA GLY A 255 -0.91 -18.92 -16.06
C GLY A 255 -0.49 -17.54 -16.51
N ILE A 256 0.13 -16.80 -15.58
CA ILE A 256 0.67 -15.49 -15.85
C ILE A 256 2.20 -15.57 -15.77
N ASP A 257 2.88 -15.00 -16.77
CA ASP A 257 4.35 -14.93 -16.79
C ASP A 257 4.80 -13.83 -15.82
N PRO A 258 5.56 -14.20 -14.77
CA PRO A 258 6.07 -13.23 -13.78
C PRO A 258 6.81 -12.03 -14.38
N ILE A 259 7.51 -12.26 -15.51
CA ILE A 259 8.36 -11.23 -16.11
C ILE A 259 7.48 -10.24 -16.89
N SER A 260 6.51 -10.79 -17.63
CA SER A 260 5.48 -9.99 -18.29
C SER A 260 4.85 -9.04 -17.27
N PHE A 261 4.48 -9.59 -16.11
CA PHE A 261 3.77 -8.87 -15.09
C PHE A 261 4.66 -7.72 -14.58
N ILE A 262 5.91 -8.05 -14.23
CA ILE A 262 6.87 -7.07 -13.78
C ILE A 262 7.04 -6.00 -14.86
N LYS A 263 7.18 -6.43 -16.12
CA LYS A 263 7.33 -5.55 -17.27
C LYS A 263 6.23 -4.48 -17.26
N HIS A 264 4.98 -4.92 -17.05
CA HIS A 264 3.82 -4.05 -17.06
C HIS A 264 3.73 -3.27 -15.75
N ALA A 265 4.14 -3.90 -14.64
CA ALA A 265 3.86 -3.41 -13.29
C ALA A 265 4.93 -2.40 -12.85
N LYS A 266 6.09 -2.41 -13.53
CA LYS A 266 7.32 -1.80 -13.04
C LYS A 266 7.06 -0.36 -12.58
N ASP A 267 6.09 0.31 -13.21
CA ASP A 267 5.91 1.76 -13.08
C ASP A 267 5.32 2.10 -11.70
N ALA A 268 4.32 1.31 -11.31
CA ALA A 268 3.65 1.46 -10.02
C ALA A 268 4.60 1.00 -8.90
N MET A 269 5.38 -0.04 -9.20
CA MET A 269 6.31 -0.62 -8.24
C MET A 269 7.36 0.43 -7.85
N LEU A 270 7.90 1.12 -8.86
CA LEU A 270 8.96 2.10 -8.68
C LEU A 270 8.39 3.36 -7.99
N THR A 271 7.14 3.69 -8.33
CA THR A 271 6.47 4.86 -7.79
C THR A 271 6.15 4.63 -6.31
N ALA A 272 5.61 3.45 -6.00
CA ALA A 272 5.34 3.05 -4.62
C ALA A 272 6.63 3.15 -3.79
N PHE A 273 7.73 2.59 -4.32
CA PHE A 273 8.97 2.45 -3.58
C PHE A 273 9.38 3.82 -3.02
N VAL A 274 9.37 4.83 -3.89
CA VAL A 274 9.94 6.13 -3.59
C VAL A 274 8.89 6.98 -2.87
N THR A 275 7.64 6.87 -3.35
CA THR A 275 6.53 7.68 -2.90
C THR A 275 6.17 7.30 -1.45
N ARG A 276 6.36 6.02 -1.12
CA ARG A 276 6.00 5.47 0.20
C ARG A 276 4.51 5.71 0.49
N SER A 277 3.70 5.75 -0.56
CA SER A 277 2.26 5.93 -0.44
C SER A 277 1.51 4.98 -1.38
N SER A 278 0.87 3.97 -0.80
CA SER A 278 -0.01 3.06 -1.52
C SER A 278 -1.16 3.86 -2.16
N SER A 279 -1.84 4.63 -1.32
CA SER A 279 -2.91 5.51 -1.74
C SER A 279 -2.43 6.39 -2.91
N GLY A 280 -1.25 6.99 -2.74
CA GLY A 280 -0.75 8.02 -3.65
C GLY A 280 -0.24 7.43 -4.96
N THR A 281 0.02 6.12 -4.95
CA THR A 281 0.51 5.41 -6.13
C THR A 281 -0.69 4.91 -6.94
N LEU A 282 -1.86 4.82 -6.30
CA LEU A 282 -3.08 4.27 -6.89
C LEU A 282 -3.22 4.67 -8.36
N PRO A 283 -3.12 5.97 -8.72
CA PRO A 283 -3.36 6.40 -10.10
C PRO A 283 -2.44 5.68 -11.09
N VAL A 284 -1.20 5.42 -10.67
CA VAL A 284 -0.22 4.72 -11.49
C VAL A 284 -0.60 3.24 -11.54
N THR A 285 -0.93 2.70 -10.37
CA THR A 285 -1.34 1.31 -10.22
C THR A 285 -2.52 1.02 -11.17
N MET A 286 -3.48 1.95 -11.20
CA MET A 286 -4.74 1.73 -11.87
C MET A 286 -4.52 1.85 -13.38
N ARG A 287 -3.57 2.70 -13.77
CA ARG A 287 -3.18 2.82 -15.17
C ARG A 287 -2.43 1.56 -15.60
N VAL A 288 -1.65 0.99 -14.69
CA VAL A 288 -0.87 -0.21 -14.97
C VAL A 288 -1.84 -1.32 -15.36
N ALA A 289 -2.91 -1.46 -14.57
CA ALA A 289 -3.87 -2.56 -14.73
C ALA A 289 -4.63 -2.38 -16.05
N LYS A 290 -4.87 -1.11 -16.40
CA LYS A 290 -5.55 -0.77 -17.64
C LYS A 290 -4.68 -1.21 -18.82
N GLU A 291 -3.36 -1.01 -18.68
CA GLU A 291 -2.42 -1.26 -19.74
C GLU A 291 -2.13 -2.77 -19.80
N MET A 292 -2.44 -3.47 -18.70
CA MET A 292 -2.43 -4.93 -18.67
C MET A 292 -3.67 -5.48 -19.39
N GLY A 293 -4.63 -4.59 -19.70
CA GLY A 293 -5.86 -4.95 -20.41
C GLY A 293 -6.89 -5.60 -19.49
N ILE A 294 -6.77 -5.34 -18.17
CA ILE A 294 -7.70 -5.86 -17.17
C ILE A 294 -8.98 -5.02 -17.19
N SER A 295 -10.13 -5.69 -17.01
CA SER A 295 -11.43 -5.02 -16.99
C SER A 295 -11.45 -3.94 -15.91
N GLU A 296 -11.96 -2.76 -16.27
CA GLU A 296 -12.15 -1.65 -15.33
C GLU A 296 -13.15 -2.06 -14.25
N GLY A 297 -14.03 -3.00 -14.60
CA GLY A 297 -15.03 -3.53 -13.68
C GLY A 297 -14.39 -4.31 -12.55
N ILE A 298 -13.10 -4.60 -12.68
CA ILE A 298 -12.38 -5.39 -11.70
C ILE A 298 -11.41 -4.49 -10.93
N TYR A 299 -10.47 -3.87 -11.64
CA TYR A 299 -9.30 -3.26 -11.01
C TYR A 299 -9.71 -1.96 -10.32
N SER A 300 -10.78 -1.33 -10.83
CA SER A 300 -11.32 -0.10 -10.27
C SER A 300 -11.85 -0.38 -8.86
N PHE A 301 -12.15 -1.65 -8.58
CA PHE A 301 -12.65 -2.09 -7.29
C PHE A 301 -11.48 -2.63 -6.46
N THR A 302 -10.73 -3.57 -7.04
CA THR A 302 -9.80 -4.39 -6.28
C THR A 302 -8.62 -3.54 -5.81
N LEU A 303 -8.17 -2.62 -6.66
CA LEU A 303 -6.90 -1.94 -6.47
C LEU A 303 -7.02 -0.91 -5.35
N PRO A 304 -8.06 -0.05 -5.36
CA PRO A 304 -8.32 0.86 -4.25
C PRO A 304 -8.58 0.14 -2.93
N LEU A 305 -9.29 -1.00 -2.99
CA LEU A 305 -9.51 -1.83 -1.81
C LEU A 305 -8.17 -2.33 -1.28
N GLY A 306 -7.41 -3.01 -2.15
CA GLY A 306 -6.11 -3.56 -1.80
C GLY A 306 -5.19 -2.48 -1.26
N ALA A 307 -5.35 -1.27 -1.78
CA ALA A 307 -4.47 -0.16 -1.45
C ALA A 307 -4.64 0.22 0.03
N THR A 308 -5.79 -0.10 0.62
CA THR A 308 -6.10 0.34 1.98
C THR A 308 -6.07 -0.84 2.98
N ILE A 309 -6.39 -2.06 2.54
CA ILE A 309 -6.60 -3.19 3.47
C ILE A 309 -5.56 -4.29 3.25
N ASN A 310 -4.86 -4.26 2.11
CA ASN A 310 -3.97 -5.35 1.70
C ASN A 310 -2.52 -4.84 1.67
N MET A 311 -1.81 -5.04 2.79
CA MET A 311 -0.49 -4.48 2.97
C MET A 311 0.48 -5.58 3.43
N ASP A 312 0.90 -6.41 2.48
CA ASP A 312 1.79 -7.54 2.75
C ASP A 312 3.11 -7.02 3.30
N GLY A 313 3.62 -5.94 2.72
CA GLY A 313 4.88 -5.33 3.14
C GLY A 313 4.86 -4.98 4.61
N THR A 314 3.77 -4.32 5.02
CA THR A 314 3.58 -3.84 6.39
C THR A 314 3.48 -5.04 7.34
N ALA A 315 2.67 -6.03 6.95
CA ALA A 315 2.48 -7.24 7.73
C ALA A 315 3.85 -7.84 8.06
N LEU A 316 4.66 -8.05 7.02
CA LEU A 316 5.96 -8.69 7.14
C LEU A 316 6.84 -7.86 8.09
N TYR A 317 6.78 -6.54 7.92
CA TYR A 317 7.56 -5.62 8.74
C TYR A 317 7.15 -5.77 10.22
N GLN A 318 5.85 -5.95 10.45
CA GLN A 318 5.29 -6.03 11.79
C GLN A 318 5.88 -7.26 12.52
N GLY A 319 5.91 -8.39 11.81
CA GLY A 319 6.60 -9.59 12.28
C GLY A 319 8.03 -9.30 12.69
N VAL A 320 8.80 -8.72 11.77
CA VAL A 320 10.23 -8.51 11.98
C VAL A 320 10.44 -7.49 13.11
N CYS A 321 9.52 -6.53 13.21
CA CYS A 321 9.65 -5.47 14.18
C CYS A 321 9.35 -6.00 15.58
N THR A 322 8.38 -6.90 15.68
CA THR A 322 7.98 -7.46 16.96
C THR A 322 9.16 -8.22 17.56
N PHE A 323 9.89 -8.94 16.70
CA PHE A 323 11.00 -9.77 17.13
C PHE A 323 12.19 -8.89 17.51
N PHE A 324 12.43 -7.84 16.73
CA PHE A 324 13.52 -6.92 17.00
C PHE A 324 13.34 -6.30 18.38
N ILE A 325 12.12 -5.86 18.68
CA ILE A 325 11.82 -5.21 19.94
C ILE A 325 11.98 -6.25 21.07
N ALA A 326 11.41 -7.44 20.87
CA ALA A 326 11.48 -8.52 21.85
C ALA A 326 12.94 -8.88 22.14
N ASN A 327 13.75 -8.99 21.08
CA ASN A 327 15.16 -9.32 21.22
C ASN A 327 15.87 -8.24 22.03
N ALA A 328 15.58 -6.97 21.71
CA ALA A 328 16.30 -5.82 22.28
C ALA A 328 15.99 -5.71 23.80
N LEU A 329 14.89 -6.33 24.23
CA LEU A 329 14.44 -6.33 25.62
C LEU A 329 14.84 -7.64 26.30
N GLY A 330 15.34 -8.59 25.49
CA GLY A 330 15.74 -9.90 25.96
C GLY A 330 14.58 -10.85 26.16
N SER A 331 13.38 -10.42 25.72
CA SER A 331 12.20 -11.28 25.68
C SER A 331 12.43 -12.45 24.69
N HIS A 332 11.85 -13.60 25.03
CA HIS A 332 11.77 -14.74 24.12
C HIS A 332 10.32 -14.93 23.69
N LEU A 333 10.11 -15.16 22.39
CA LEU A 333 8.77 -15.35 21.84
C LEU A 333 8.55 -16.84 21.55
N THR A 334 7.75 -17.48 22.41
CA THR A 334 7.30 -18.85 22.22
C THR A 334 6.61 -18.99 20.87
N VAL A 335 6.45 -20.25 20.43
CA VAL A 335 5.77 -20.55 19.18
C VAL A 335 4.32 -20.07 19.28
N GLY A 336 3.74 -20.22 20.48
CA GLY A 336 2.37 -19.79 20.76
C GLY A 336 2.20 -18.29 20.58
N GLN A 337 3.22 -17.53 20.98
CA GLN A 337 3.22 -16.08 20.82
C GLN A 337 3.33 -15.73 19.33
N GLN A 338 4.16 -16.51 18.61
CA GLN A 338 4.39 -16.32 17.17
C GLN A 338 3.06 -16.48 16.41
N LEU A 339 2.28 -17.49 16.82
CA LEU A 339 0.94 -17.69 16.32
C LEU A 339 0.10 -16.43 16.58
N THR A 340 0.21 -15.90 17.80
CA THR A 340 -0.57 -14.75 18.24
C THR A 340 -0.27 -13.55 17.34
N ILE A 341 1.00 -13.40 16.97
CA ILE A 341 1.44 -12.28 16.15
C ILE A 341 0.74 -12.37 14.78
N VAL A 342 0.75 -13.55 14.17
CA VAL A 342 0.18 -13.75 12.85
C VAL A 342 -1.30 -13.34 12.90
N LEU A 343 -2.05 -14.01 13.77
CA LEU A 343 -3.46 -13.74 13.95
C LEU A 343 -3.67 -12.23 14.06
N THR A 344 -2.98 -11.61 15.02
CA THR A 344 -3.21 -10.23 15.41
C THR A 344 -2.94 -9.33 14.20
N ALA A 345 -1.84 -9.61 13.49
CA ALA A 345 -1.45 -8.85 12.31
C ALA A 345 -2.57 -8.84 11.28
N VAL A 346 -3.13 -10.03 11.02
CA VAL A 346 -4.22 -10.21 10.07
C VAL A 346 -5.44 -9.40 10.54
N LEU A 347 -5.89 -9.67 11.77
CA LEU A 347 -7.03 -8.97 12.36
C LEU A 347 -6.79 -7.46 12.32
N ALA A 348 -5.54 -7.06 12.62
CA ALA A 348 -5.18 -5.67 12.80
C ALA A 348 -5.54 -4.88 11.55
N SER A 349 -5.25 -5.45 10.37
CA SER A 349 -5.40 -4.74 9.11
C SER A 349 -6.89 -4.64 8.74
N ILE A 350 -7.65 -5.67 9.12
CA ILE A 350 -9.11 -5.70 8.97
C ILE A 350 -9.71 -4.61 9.86
N GLY A 351 -9.25 -4.56 11.11
CA GLY A 351 -9.82 -3.73 12.17
C GLY A 351 -9.19 -2.35 12.21
N THR A 352 -8.59 -1.93 11.10
CA THR A 352 -8.11 -0.57 10.93
C THR A 352 -8.38 -0.10 9.50
N ALA A 353 -9.36 -0.74 8.84
CA ALA A 353 -9.46 -0.76 7.39
C ALA A 353 -9.45 0.67 6.83
N GLY A 354 -10.38 1.50 7.31
CA GLY A 354 -10.51 2.86 6.82
C GLY A 354 -9.58 3.84 7.53
N VAL A 355 -9.04 3.41 8.67
CA VAL A 355 -8.55 4.34 9.72
C VAL A 355 -7.29 5.03 9.21
N PRO A 356 -7.18 6.36 9.39
CA PRO A 356 -5.94 7.07 9.09
C PRO A 356 -4.84 6.76 10.13
N GLY A 357 -3.59 6.70 9.66
CA GLY A 357 -2.45 6.26 10.45
C GLY A 357 -2.67 4.87 11.02
N ALA A 358 -3.12 3.96 10.17
CA ALA A 358 -3.53 2.61 10.57
C ALA A 358 -2.28 1.75 10.83
N GLY A 359 -1.20 2.01 10.08
CA GLY A 359 0.08 1.34 10.25
C GLY A 359 0.58 1.40 11.69
N ALA A 360 0.56 2.60 12.27
CA ALA A 360 1.05 2.82 13.63
C ALA A 360 0.19 2.04 14.64
N ILE A 361 -1.14 2.10 14.45
CA ILE A 361 -2.10 1.47 15.33
C ILE A 361 -1.90 -0.05 15.29
N MET A 362 -1.89 -0.61 14.07
CA MET A 362 -1.72 -2.04 13.88
C MET A 362 -0.50 -2.52 14.68
N LEU A 363 0.64 -1.86 14.46
CA LEU A 363 1.91 -2.29 15.06
C LEU A 363 1.74 -2.37 16.59
N ALA A 364 1.12 -1.33 17.15
CA ALA A 364 0.92 -1.23 18.59
C ALA A 364 0.06 -2.40 19.08
N MET A 365 -0.95 -2.77 18.28
CA MET A 365 -1.87 -3.84 18.61
C MET A 365 -1.09 -5.16 18.65
N VAL A 366 -0.19 -5.31 17.68
CA VAL A 366 0.54 -6.54 17.49
C VAL A 366 1.57 -6.66 18.63
N LEU A 367 2.19 -5.53 18.97
CA LEU A 367 3.19 -5.49 20.02
C LEU A 367 2.53 -5.83 21.36
N HIS A 368 1.31 -5.35 21.57
CA HIS A 368 0.63 -5.54 22.84
C HIS A 368 0.16 -7.00 22.95
N SER A 369 -0.08 -7.63 21.81
CA SER A 369 -0.61 -8.98 21.76
C SER A 369 0.38 -9.98 22.38
N VAL A 370 1.66 -9.58 22.47
CA VAL A 370 2.71 -10.45 22.99
C VAL A 370 3.39 -9.77 24.18
N GLY A 371 2.77 -8.70 24.69
CA GLY A 371 3.09 -8.16 26.01
C GLY A 371 4.22 -7.13 25.95
N LEU A 372 4.36 -6.49 24.78
CA LEU A 372 5.32 -5.39 24.58
C LEU A 372 4.57 -4.10 24.27
N PRO A 373 3.85 -3.53 25.26
CA PRO A 373 3.17 -2.24 25.05
C PRO A 373 4.16 -1.09 24.77
N LEU A 374 3.82 -0.26 23.78
CA LEU A 374 4.62 0.88 23.36
C LEU A 374 4.72 1.93 24.48
N THR A 375 3.89 1.79 25.52
CA THR A 375 3.88 2.73 26.65
C THR A 375 4.91 2.31 27.70
N ASP A 376 5.58 1.18 27.44
CA ASP A 376 6.71 0.70 28.23
C ASP A 376 7.97 1.45 27.79
N PRO A 377 8.68 2.14 28.71
CA PRO A 377 9.82 2.99 28.33
C PRO A 377 10.95 2.21 27.63
N ASN A 378 11.05 0.92 27.95
CA ASN A 378 12.07 0.04 27.41
C ASN A 378 11.70 -0.37 25.97
N VAL A 379 10.41 -0.68 25.78
CA VAL A 379 9.85 -0.94 24.45
C VAL A 379 10.02 0.32 23.58
N ALA A 380 9.73 1.48 24.18
CA ALA A 380 9.69 2.74 23.46
C ALA A 380 11.10 3.06 22.95
N ALA A 381 12.12 2.80 23.77
CA ALA A 381 13.51 3.02 23.40
C ALA A 381 13.85 2.15 22.18
N ALA A 382 13.40 0.90 22.20
CA ALA A 382 13.68 -0.07 21.13
C ALA A 382 13.00 0.37 19.84
N TYR A 383 11.70 0.71 19.95
CA TYR A 383 10.90 1.15 18.83
C TYR A 383 11.50 2.42 18.23
N ALA A 384 11.93 3.34 19.10
CA ALA A 384 12.45 4.63 18.68
C ALA A 384 13.71 4.43 17.81
N MET A 385 14.44 3.36 18.11
CA MET A 385 15.67 3.02 17.41
C MET A 385 15.33 2.64 15.95
N ILE A 386 14.35 1.75 15.79
CA ILE A 386 13.99 1.20 14.50
C ILE A 386 13.28 2.29 13.68
N LEU A 387 12.68 3.25 14.36
CA LEU A 387 12.00 4.37 13.72
C LEU A 387 13.03 5.23 12.97
N GLY A 388 14.28 5.13 13.40
CA GLY A 388 15.37 5.94 12.86
C GLY A 388 15.57 5.70 11.37
N ILE A 389 15.06 4.56 10.89
CA ILE A 389 15.31 4.11 9.52
C ILE A 389 13.98 3.68 8.89
N ASP A 390 12.88 4.24 9.39
CA ASP A 390 11.56 3.79 8.96
C ASP A 390 11.35 4.17 7.50
N ALA A 391 11.86 5.33 7.11
CA ALA A 391 11.74 5.80 5.74
C ALA A 391 12.34 4.77 4.80
N ILE A 392 13.52 4.26 5.17
CA ILE A 392 14.23 3.26 4.39
C ILE A 392 13.34 2.02 4.30
N LEU A 393 12.86 1.58 5.46
CA LEU A 393 12.02 0.40 5.54
C LEU A 393 10.74 0.62 4.74
N ASP A 394 10.18 1.84 4.83
CA ASP A 394 8.85 2.14 4.33
C ASP A 394 8.85 2.03 2.79
N MET A 395 9.98 2.36 2.18
CA MET A 395 10.09 2.35 0.73
C MET A 395 9.78 0.94 0.21
N GLY A 396 10.55 -0.03 0.67
CA GLY A 396 10.38 -1.43 0.30
C GLY A 396 8.97 -1.92 0.60
N ARG A 397 8.50 -1.69 1.83
CA ARG A 397 7.31 -2.36 2.30
C ARG A 397 6.09 -1.77 1.58
N THR A 398 6.13 -0.45 1.33
CA THR A 398 5.11 0.22 0.54
C THR A 398 5.00 -0.46 -0.83
N MET A 399 6.15 -0.84 -1.41
CA MET A 399 6.21 -1.30 -2.79
C MET A 399 5.64 -2.72 -2.89
N VAL A 400 5.92 -3.54 -1.88
CA VAL A 400 5.32 -4.86 -1.75
C VAL A 400 3.81 -4.69 -1.56
N ASN A 401 3.43 -3.65 -0.81
CA ASN A 401 2.03 -3.38 -0.48
C ASN A 401 1.24 -3.23 -1.79
N VAL A 402 1.81 -2.46 -2.72
CA VAL A 402 1.16 -2.12 -3.97
C VAL A 402 1.19 -3.34 -4.90
N THR A 403 2.33 -4.05 -4.88
CA THR A 403 2.62 -5.09 -5.85
C THR A 403 1.65 -6.27 -5.64
N GLY A 404 1.35 -6.55 -4.38
CA GLY A 404 0.35 -7.56 -4.00
C GLY A 404 -1.03 -7.26 -4.56
N ASP A 405 -1.34 -5.96 -4.69
CA ASP A 405 -2.65 -5.52 -5.19
C ASP A 405 -2.77 -5.89 -6.67
N LEU A 406 -1.71 -5.63 -7.42
CA LEU A 406 -1.67 -5.89 -8.85
C LEU A 406 -1.68 -7.41 -9.10
N THR A 407 -1.00 -8.15 -8.22
CA THR A 407 -0.89 -9.60 -8.32
C THR A 407 -2.28 -10.23 -8.15
N GLY A 408 -2.93 -9.90 -7.03
CA GLY A 408 -4.31 -10.29 -6.77
C GLY A 408 -5.21 -9.91 -7.94
N THR A 409 -5.08 -8.68 -8.41
CA THR A 409 -5.94 -8.14 -9.45
C THR A 409 -5.74 -8.94 -10.73
N ALA A 410 -4.47 -9.21 -11.06
CA ALA A 410 -4.10 -9.99 -12.24
C ALA A 410 -4.69 -11.39 -12.16
N ILE A 411 -4.57 -12.01 -10.97
CA ILE A 411 -4.96 -13.40 -10.76
C ILE A 411 -6.48 -13.51 -10.91
N VAL A 412 -7.20 -12.60 -10.23
CA VAL A 412 -8.65 -12.58 -10.25
C VAL A 412 -9.11 -12.33 -11.69
N ALA A 413 -8.54 -11.32 -12.32
CA ALA A 413 -8.89 -10.97 -13.68
C ALA A 413 -8.77 -12.21 -14.57
N LYS A 414 -7.74 -13.02 -14.29
CA LYS A 414 -7.37 -14.13 -15.14
C LYS A 414 -8.38 -15.28 -14.95
N THR A 415 -8.82 -15.47 -13.71
CA THR A 415 -9.79 -16.52 -13.38
C THR A 415 -11.19 -16.15 -13.88
N GLU A 416 -11.43 -14.85 -14.11
CA GLU A 416 -12.73 -14.36 -14.57
C GLU A 416 -12.84 -14.50 -16.09
N GLY A 417 -11.73 -14.86 -16.73
CA GLY A 417 -11.67 -15.09 -18.19
C GLY A 417 -12.12 -13.89 -19.00
N THR A 418 -12.75 -14.15 -20.16
CA THR A 418 -13.22 -13.04 -21.03
C THR A 418 -14.29 -12.24 -20.28
N LEU A 419 -14.19 -10.91 -20.32
CA LEU A 419 -15.14 -10.03 -19.60
C LEU A 419 -15.21 -8.68 -20.32
N VAL A 420 -16.37 -8.37 -20.90
CA VAL A 420 -16.58 -7.11 -21.62
C VAL A 420 -17.83 -6.42 -21.06
N PRO A 421 -17.98 -5.09 -21.26
CA PRO A 421 -19.18 -4.37 -20.83
C PRO A 421 -20.49 -4.97 -21.33
N ARG A 422 -21.60 -4.63 -20.65
CA ARG A 422 -22.94 -5.08 -20.99
C ARG A 422 -23.53 -4.16 -22.06
#